data_6VL3
#
_entry.id   6VL3
#
_cell.length_a   89.804
_cell.length_b   89.804
_cell.length_c   132.729
_cell.angle_alpha   90.000
_cell.angle_beta   90.000
_cell.angle_gamma   90.000
#
_symmetry.space_group_name_H-M   'I 4 2 2'
#
loop_
_entity.id
_entity.type
_entity.pdbx_description
1 polymer 'Polymerase acidic protein'
2 non-polymer 'MANGANESE (II) ION'
3 non-polymer 5-hydroxy-N-[2-(4-hydroxy-3-methoxyphenyl)ethyl]-6-oxo-2-[2-(trifluoromethyl)phenyl]-1,6-dihydropyrimidine-4-carboxamide
4 non-polymer 'Hexa Vinylpyrrolidone K15'
5 non-polymer 'SULFATE ION'
6 water water
#
_entity_poly.entity_id   1
_entity_poly.type   'polypeptide(L)'
_entity_poly.pdbx_seq_one_letter_code
;MGSSHHHHHHSSGLVPRGSHMEDFVRQCFNPMIVELAEKAMKEYGEDPKIETNKFAATCTHLEVCFMYSDGGSKHRFEII
EGRDRIMAWTVVNSICNTTGVEKPKFLPDLYDYKENRFIEIGVTRREVHIYYLEKANKIKSEKTHIHIFSFTGEEMATKA
DYTLDEESRARIKTRLFTIRQEMASRSLWDSFRQSER
;
_entity_poly.pdbx_strand_id   A
#
loop_
_chem_comp.id
_chem_comp.type
_chem_comp.name
_chem_comp.formula
MN non-polymer 'MANGANESE (II) ION' 'Mn 2'
QQ4 non-polymer 'Hexa Vinylpyrrolidone K15' 'C36 H56 N6 O6'
R1D non-polymer 5-hydroxy-N-[2-(4-hydroxy-3-methoxyphenyl)ethyl]-6-oxo-2-[2-(trifluoromethyl)phenyl]-1,6-dihydropyrimidine-4-carboxamide 'C21 H18 F3 N3 O5'
SO4 non-polymer 'SULFATE ION' 'O4 S -2'
#
# COMPACT_ATOMS: atom_id res chain seq x y z
N GLY A 18 -8.29 -21.35 -13.02
CA GLY A 18 -9.16 -20.19 -12.94
C GLY A 18 -9.85 -20.08 -11.59
N SER A 19 -9.30 -19.25 -10.72
CA SER A 19 -9.86 -19.10 -9.38
C SER A 19 -11.01 -18.09 -9.40
N HIS A 20 -11.88 -18.21 -8.39
CA HIS A 20 -12.88 -17.18 -8.15
C HIS A 20 -12.23 -15.89 -7.69
N MET A 21 -11.14 -16.00 -6.94
CA MET A 21 -10.46 -14.82 -6.41
C MET A 21 -9.86 -13.98 -7.54
N GLU A 22 -9.27 -14.63 -8.55
CA GLU A 22 -8.70 -13.89 -9.67
C GLU A 22 -9.79 -13.16 -10.46
N ASP A 23 -10.89 -13.85 -10.73
CA ASP A 23 -11.99 -13.21 -11.45
C ASP A 23 -12.56 -12.04 -10.66
N PHE A 24 -12.67 -12.19 -9.34
CA PHE A 24 -13.14 -11.06 -8.52
C PHE A 24 -12.14 -9.91 -8.54
N VAL A 25 -10.85 -10.21 -8.47
CA VAL A 25 -9.83 -9.16 -8.49
C VAL A 25 -9.91 -8.39 -9.80
N ARG A 26 -10.14 -9.09 -10.91
CA ARG A 26 -10.26 -8.40 -12.19
C ARG A 26 -11.57 -7.64 -12.30
N GLN A 27 -12.64 -8.14 -11.69
CA GLN A 27 -13.94 -7.48 -11.77
C GLN A 27 -14.07 -6.29 -10.83
N CYS A 28 -13.25 -6.21 -9.79
CA CYS A 28 -13.39 -5.19 -8.75
C CYS A 28 -12.36 -4.08 -8.86
N PHE A 29 -11.13 -4.39 -9.23
CA PHE A 29 -10.06 -3.39 -9.25
C PHE A 29 -9.91 -2.76 -10.62
N ASN A 30 -9.27 -1.60 -10.65
CA ASN A 30 -9.04 -0.88 -11.90
C ASN A 30 -8.10 -1.69 -12.78
N PRO A 31 -8.29 -1.68 -14.10
CA PRO A 31 -7.41 -2.49 -14.97
C PRO A 31 -5.95 -2.11 -14.89
N MET A 32 -5.63 -0.82 -14.75
CA MET A 32 -4.23 -0.43 -14.57
C MET A 32 -3.67 -0.97 -13.27
N ILE A 33 -4.47 -0.97 -12.21
CA ILE A 33 -4.03 -1.52 -10.93
C ILE A 33 -3.76 -3.02 -11.05
N VAL A 34 -4.64 -3.73 -11.76
CA VAL A 34 -4.46 -5.17 -11.95
C VAL A 34 -3.21 -5.45 -12.76
N GLU A 35 -2.99 -4.65 -13.80
CA GLU A 35 -1.82 -4.84 -14.67
C GLU A 35 -0.55 -4.55 -13.88
N LEU A 36 -0.54 -3.52 -13.05
CA LEU A 36 0.64 -3.18 -12.25
C LEU A 36 0.90 -4.25 -11.19
N ALA A 37 -0.15 -4.78 -10.57
CA ALA A 37 0.03 -5.85 -9.59
C ALA A 37 0.59 -7.10 -10.26
N GLU A 38 0.08 -7.44 -11.45
CA GLU A 38 0.60 -8.58 -12.19
C GLU A 38 2.08 -8.41 -12.50
N LYS A 39 2.46 -7.23 -13.01
CA LYS A 39 3.86 -6.98 -13.35
C LYS A 39 4.74 -7.02 -12.11
N ALA A 40 4.27 -6.44 -11.00
CA ALA A 40 5.05 -6.44 -9.76
C ALA A 40 5.26 -7.86 -9.25
N MET A 41 4.20 -8.66 -9.22
CA MET A 41 4.33 -10.02 -8.72
C MET A 41 5.22 -10.87 -9.63
N LYS A 42 5.09 -10.72 -10.95
CA LYS A 42 5.93 -11.48 -11.86
C LYS A 42 7.39 -11.00 -11.79
N GLU A 43 7.61 -9.75 -11.39
CA GLU A 43 8.98 -9.28 -11.23
C GLU A 43 9.70 -9.99 -10.09
N TYR A 44 8.95 -10.41 -9.07
CA TYR A 44 9.53 -11.12 -7.92
C TYR A 44 9.19 -12.61 -7.93
N GLY A 45 8.74 -13.13 -9.07
CA GLY A 45 8.64 -14.57 -9.23
C GLY A 45 7.40 -15.22 -8.62
N GLU A 46 6.27 -14.54 -8.66
CA GLU A 46 5.01 -15.12 -8.19
C GLU A 46 3.91 -14.84 -9.20
N ASP A 47 3.04 -15.83 -9.39
CA ASP A 47 2.03 -15.81 -10.45
C ASP A 47 0.71 -15.29 -9.91
N PRO A 48 0.12 -14.25 -10.50
CA PRO A 48 -1.20 -13.79 -10.05
C PRO A 48 -2.28 -14.87 -10.10
N LYS A 49 -2.13 -15.88 -10.95
CA LYS A 49 -3.15 -16.91 -11.07
C LYS A 49 -3.01 -18.04 -10.04
N ILE A 50 -1.89 -18.15 -9.33
CA ILE A 50 -1.78 -19.12 -8.24
C ILE A 50 -1.93 -18.41 -6.89
N GLU A 51 -1.11 -17.39 -6.65
CA GLU A 51 -1.15 -16.66 -5.38
C GLU A 51 -2.20 -15.55 -5.47
N THR A 52 -3.47 -15.97 -5.48
CA THR A 52 -4.57 -15.04 -5.71
C THR A 52 -4.83 -14.14 -4.51
N ASN A 53 -4.63 -14.64 -3.29
CA ASN A 53 -4.75 -13.77 -2.12
C ASN A 53 -3.70 -12.69 -2.13
N LYS A 54 -2.49 -13.03 -2.57
CA LYS A 54 -1.41 -12.04 -2.69
C LYS A 54 -1.79 -11.09 -3.82
N PHE A 55 -2.45 -11.62 -4.85
CA PHE A 55 -2.90 -10.77 -5.96
C PHE A 55 -3.85 -9.68 -5.46
N ALA A 56 -4.90 -10.08 -4.74
CA ALA A 56 -5.84 -9.11 -4.18
C ALA A 56 -5.14 -8.16 -3.22
N ALA A 57 -4.19 -8.68 -2.43
CA ALA A 57 -3.49 -7.84 -1.47
C ALA A 57 -2.63 -6.78 -2.17
N THR A 58 -1.95 -7.17 -3.24
CA THR A 58 -1.13 -6.21 -3.99
C THR A 58 -2.01 -5.17 -4.69
N CYS A 59 -3.13 -5.61 -5.27
CA CYS A 59 -4.06 -4.66 -5.88
C CYS A 59 -4.59 -3.66 -4.85
N THR A 60 -4.93 -4.16 -3.65
CA THR A 60 -5.45 -3.28 -2.61
C THR A 60 -4.39 -2.29 -2.14
N HIS A 61 -3.16 -2.76 -1.94
CA HIS A 61 -2.08 -1.86 -1.54
C HIS A 61 -1.85 -0.79 -2.59
N LEU A 62 -1.82 -1.18 -3.86
CA LEU A 62 -1.63 -0.23 -4.95
C LEU A 62 -2.73 0.83 -4.94
N GLU A 63 -4.00 0.40 -4.85
CA GLU A 63 -5.10 1.34 -4.85
C GLU A 63 -5.04 2.28 -3.65
N VAL A 64 -4.65 1.75 -2.49
CA VAL A 64 -4.57 2.57 -1.28
C VAL A 64 -3.48 3.63 -1.43
N CYS A 65 -2.31 3.25 -1.94
CA CYS A 65 -1.25 4.24 -2.17
C CYS A 65 -1.67 5.28 -3.21
N PHE A 66 -2.40 4.86 -4.24
CA PHE A 66 -2.83 5.82 -5.25
C PHE A 66 -3.83 6.82 -4.66
N MET A 67 -4.80 6.33 -3.90
CA MET A 67 -5.75 7.23 -3.23
C MET A 67 -5.02 8.15 -2.26
N TYR A 68 -4.01 7.63 -1.56
CA TYR A 68 -3.23 8.43 -0.63
C TYR A 68 -2.53 9.58 -1.35
N SER A 69 -1.84 9.27 -2.46
CA SER A 69 -1.18 10.31 -3.22
C SER A 69 -2.18 11.28 -3.82
N ASP A 70 -3.40 10.83 -4.13
CA ASP A 70 -4.42 11.74 -4.62
C ASP A 70 -4.89 12.69 -3.53
N GLY A 71 -4.76 12.32 -2.26
CA GLY A 71 -5.15 13.21 -1.19
C GLY A 71 -4.18 14.37 -1.04
N GLY A 72 -4.67 15.46 -0.47
CA GLY A 72 -3.79 16.63 -0.34
C GLY A 72 -3.75 17.41 -1.62
N SER A 73 -2.59 18.00 -1.93
CA SER A 73 -2.36 18.84 -3.13
C SER A 73 -2.26 18.00 -4.39
N LYS A 74 -2.24 18.64 -5.56
CA LYS A 74 -2.09 17.89 -6.83
C LYS A 74 -0.65 17.41 -6.99
N HIS A 75 0.34 18.04 -6.34
CA HIS A 75 1.72 17.56 -6.54
C HIS A 75 2.50 17.55 -5.22
N ARG A 76 1.88 17.04 -4.15
CA ARG A 76 2.54 16.95 -2.84
C ARG A 76 3.37 15.68 -2.74
N PHE A 77 2.87 14.57 -3.28
CA PHE A 77 3.50 13.27 -3.13
C PHE A 77 4.15 12.83 -4.42
N GLU A 78 5.32 12.20 -4.30
CA GLU A 78 5.95 11.47 -5.38
C GLU A 78 5.69 9.99 -5.19
N ILE A 79 5.09 9.36 -6.19
CA ILE A 79 4.72 7.95 -6.09
C ILE A 79 5.95 7.09 -6.36
N ILE A 80 6.21 6.15 -5.46
CA ILE A 80 7.32 5.23 -5.59
C ILE A 80 6.86 3.82 -5.91
N GLU A 81 5.78 3.37 -5.29
CA GLU A 81 5.19 2.08 -5.63
C GLU A 81 4.54 2.15 -7.01
N GLY A 82 4.47 1.00 -7.68
CA GLY A 82 3.92 0.92 -9.01
C GLY A 82 4.92 1.07 -10.12
N ARG A 83 6.06 1.70 -9.86
CA ARG A 83 7.14 1.76 -10.83
C ARG A 83 7.93 0.45 -10.81
N ASP A 84 8.80 0.31 -11.81
CA ASP A 84 9.74 -0.80 -11.80
C ASP A 84 10.80 -0.57 -10.73
N ARG A 85 11.31 -1.68 -10.17
CA ARG A 85 12.23 -1.59 -9.04
C ARG A 85 13.40 -0.66 -9.36
N ILE A 86 13.96 -0.78 -10.57
CA ILE A 86 15.10 0.06 -10.96
C ILE A 86 14.67 1.53 -11.03
N MET A 87 13.54 1.80 -11.69
CA MET A 87 13.11 3.19 -11.83
C MET A 87 12.66 3.77 -10.49
N ALA A 88 12.03 2.97 -9.64
CA ALA A 88 11.65 3.47 -8.32
C ALA A 88 12.88 3.79 -7.49
N TRP A 89 13.90 2.92 -7.52
CA TRP A 89 15.14 3.22 -6.83
C TRP A 89 15.81 4.46 -7.41
N THR A 90 15.69 4.66 -8.72
CA THR A 90 16.22 5.87 -9.34
C THR A 90 15.52 7.11 -8.80
N VAL A 91 14.19 7.06 -8.70
CA VAL A 91 13.44 8.21 -8.22
C VAL A 91 13.77 8.50 -6.76
N VAL A 92 13.98 7.47 -5.95
CA VAL A 92 14.33 7.70 -4.51
C VAL A 92 15.74 8.25 -4.44
N ASN A 93 16.63 7.77 -5.29
CA ASN A 93 17.98 8.33 -5.31
C ASN A 93 17.94 9.82 -5.63
N SER A 94 17.13 10.20 -6.63
CA SER A 94 16.99 11.60 -6.97
C SER A 94 16.41 12.41 -5.81
N ILE A 95 15.35 11.86 -5.18
CA ILE A 95 14.70 12.57 -4.08
C ILE A 95 15.68 12.80 -2.93
N CYS A 96 16.48 11.80 -2.58
CA CYS A 96 17.44 11.97 -1.50
C CYS A 96 18.55 12.94 -1.90
N ASN A 97 19.22 12.69 -3.03
CA ASN A 97 20.29 13.58 -3.46
C ASN A 97 19.80 14.98 -3.78
N THR A 98 18.49 15.21 -3.79
CA THR A 98 17.93 16.55 -3.90
C THR A 98 17.62 17.18 -2.54
N THR A 99 16.96 16.43 -1.66
CA THR A 99 16.49 16.97 -0.39
C THR A 99 17.37 16.58 0.79
N GLY A 100 18.42 15.81 0.57
CA GLY A 100 19.32 15.45 1.64
C GLY A 100 18.81 14.40 2.60
N VAL A 101 17.59 13.89 2.41
CA VAL A 101 17.07 12.83 3.27
C VAL A 101 17.91 11.57 3.06
N GLU A 102 17.99 10.76 4.10
CA GLU A 102 18.79 9.53 4.05
C GLU A 102 18.15 8.52 3.10
N LYS A 103 18.99 7.85 2.34
CA LYS A 103 18.55 6.82 1.41
C LYS A 103 18.00 5.63 2.18
N PRO A 104 16.70 5.33 2.07
CA PRO A 104 16.14 4.23 2.87
C PRO A 104 16.71 2.89 2.45
N LYS A 105 16.80 1.97 3.42
CA LYS A 105 17.34 0.65 3.16
C LYS A 105 16.39 -0.20 2.32
N PHE A 106 15.09 0.07 2.41
CA PHE A 106 14.09 -0.67 1.66
C PHE A 106 13.18 0.30 0.92
N LEU A 107 12.68 -0.14 -0.22
CA LEU A 107 11.93 0.74 -1.10
C LEU A 107 10.62 1.17 -0.46
N PRO A 108 10.37 2.47 -0.29
CA PRO A 108 9.10 2.92 0.29
C PRO A 108 7.99 2.98 -0.75
N ASP A 109 6.85 3.56 -0.38
CA ASP A 109 5.71 3.68 -1.29
C ASP A 109 5.52 5.10 -1.83
N LEU A 110 5.73 6.13 -1.00
CA LEU A 110 5.56 7.50 -1.45
C LEU A 110 6.64 8.37 -0.84
N TYR A 111 6.70 9.61 -1.31
CA TYR A 111 7.51 10.64 -0.67
C TYR A 111 6.67 11.90 -0.53
N ASP A 112 6.60 12.42 0.70
CA ASP A 112 5.90 13.67 1.00
C ASP A 112 6.89 14.81 0.84
N TYR A 113 6.63 15.67 -0.15
CA TYR A 113 7.41 16.89 -0.34
C TYR A 113 7.05 17.95 0.69
N LYS A 114 5.82 17.88 1.17
CA LYS A 114 5.31 18.84 2.16
C LYS A 114 6.05 18.62 3.48
N GLU A 115 6.20 17.37 3.91
CA GLU A 115 6.86 17.01 5.16
C GLU A 115 8.27 16.48 4.94
N ASN A 116 8.71 16.36 3.69
CA ASN A 116 10.07 15.92 3.35
C ASN A 116 10.39 14.57 3.98
N ARG A 117 9.61 13.56 3.62
CA ARG A 117 9.86 12.25 4.21
C ARG A 117 9.22 11.14 3.38
N PHE A 118 9.89 10.00 3.33
CA PHE A 118 9.33 8.84 2.66
C PHE A 118 8.25 8.19 3.52
N ILE A 119 7.19 7.75 2.87
CA ILE A 119 6.04 7.12 3.54
C ILE A 119 5.95 5.68 3.06
N GLU A 120 5.93 4.75 4.01
CA GLU A 120 5.67 3.34 3.74
C GLU A 120 4.23 3.05 4.15
N ILE A 121 3.39 2.79 3.17
CA ILE A 121 1.97 2.56 3.39
C ILE A 121 1.73 1.08 3.61
N GLY A 122 0.90 0.75 4.60
CA GLY A 122 0.58 -0.63 4.88
C GLY A 122 -0.91 -0.90 5.01
N VAL A 123 -1.38 -1.95 4.35
CA VAL A 123 -2.74 -2.44 4.47
C VAL A 123 -2.67 -3.85 5.02
N THR A 124 -3.31 -4.09 6.17
CA THR A 124 -3.16 -5.34 6.88
C THR A 124 -4.52 -5.88 7.30
N ARG A 125 -4.60 -7.21 7.45
CA ARG A 125 -5.78 -7.87 7.98
C ARG A 125 -5.56 -8.34 9.42
N ARG A 126 -4.55 -7.81 10.10
CA ARG A 126 -4.29 -8.02 11.51
C ARG A 126 -4.68 -6.74 12.26
N GLU A 127 -4.11 -6.56 13.44
CA GLU A 127 -4.20 -5.28 14.12
C GLU A 127 -3.08 -4.38 13.62
N VAL A 128 -3.31 -3.07 13.69
CA VAL A 128 -2.32 -2.08 13.24
C VAL A 128 -1.04 -2.25 14.05
N HIS A 129 -1.18 -2.81 15.26
CA HIS A 129 -0.03 -2.92 16.17
C HIS A 129 0.99 -3.93 15.66
N ILE A 130 0.54 -5.14 15.28
CA ILE A 130 1.49 -6.17 14.87
C ILE A 130 2.19 -5.78 13.57
N TYR A 131 1.40 -5.40 12.56
CA TYR A 131 2.00 -5.02 11.27
C TYR A 131 2.89 -3.79 11.42
N TYR A 132 2.48 -2.83 12.25
CA TYR A 132 3.30 -1.65 12.48
C TYR A 132 4.61 -2.03 13.16
N LEU A 133 4.56 -2.91 14.16
CA LEU A 133 5.78 -3.32 14.85
C LEU A 133 6.72 -4.04 13.90
N GLU A 134 6.18 -4.91 13.04
CA GLU A 134 7.03 -5.59 12.05
C GLU A 134 7.67 -4.59 11.10
N LYS A 135 6.87 -3.66 10.56
CA LYS A 135 7.41 -2.68 9.62
C LYS A 135 8.46 -1.78 10.28
N ALA A 136 8.24 -1.43 11.56
CA ALA A 136 9.18 -0.56 12.25
C ALA A 136 10.47 -1.30 12.59
N ASN A 137 10.31 -2.58 12.88
CA ASN A 137 11.47 -3.45 13.20
C ASN A 137 12.32 -3.55 11.94
N LYS A 138 11.65 -3.61 10.79
CA LYS A 138 12.34 -3.64 9.50
C LYS A 138 12.89 -2.28 9.11
N ILE A 139 12.33 -1.20 9.65
CA ILE A 139 12.74 0.15 9.25
C ILE A 139 14.04 0.59 9.90
N LYS A 140 14.42 0.01 11.04
CA LYS A 140 15.60 0.41 11.79
C LYS A 140 15.57 1.90 12.12
N SER A 141 16.44 2.68 11.48
CA SER A 141 16.42 4.13 11.63
C SER A 141 15.12 4.69 11.09
N GLU A 142 14.19 5.01 12.00
CA GLU A 142 12.84 5.39 11.60
C GLU A 142 12.80 6.78 10.98
N LYS A 143 13.57 7.00 9.92
CA LYS A 143 13.45 8.25 9.17
C LYS A 143 12.21 8.24 8.30
N THR A 144 11.89 7.10 7.71
CA THR A 144 10.71 6.99 6.86
C THR A 144 9.44 6.92 7.70
N HIS A 145 8.44 7.71 7.34
CA HIS A 145 7.16 7.67 8.03
C HIS A 145 6.43 6.37 7.72
N ILE A 146 5.61 5.93 8.65
CA ILE A 146 4.83 4.70 8.50
C ILE A 146 3.36 5.03 8.71
N HIS A 147 2.50 4.44 7.87
CA HIS A 147 1.06 4.65 7.96
C HIS A 147 0.37 3.35 7.61
N ILE A 148 -0.41 2.81 8.56
CA ILE A 148 -1.04 1.50 8.43
C ILE A 148 -2.55 1.70 8.38
N PHE A 149 -3.19 1.06 7.41
CA PHE A 149 -4.64 0.97 7.33
C PHE A 149 -5.07 -0.49 7.50
N SER A 150 -6.32 -0.68 7.91
CA SER A 150 -6.86 -2.01 8.14
C SER A 150 -8.24 -2.12 7.50
N PHE A 151 -8.64 -3.36 7.23
CA PHE A 151 -9.94 -3.64 6.62
C PHE A 151 -11.11 -3.43 7.59
N THR A 152 -10.84 -3.08 8.84
CA THR A 152 -11.88 -2.82 9.83
C THR A 152 -12.02 -1.34 10.16
N GLY A 153 -11.41 -0.46 9.35
CA GLY A 153 -11.49 0.96 9.59
C GLY A 153 -10.41 1.53 10.49
N GLU A 154 -9.55 0.69 11.05
N GLU A 154 -9.54 0.69 11.05
CA GLU A 154 -8.49 1.15 11.92
CA GLU A 154 -8.50 1.18 11.93
C GLU A 154 -7.33 1.72 11.10
C GLU A 154 -7.29 1.66 11.13
N GLU A 155 -6.50 2.52 11.76
CA GLU A 155 -5.31 3.08 11.13
C GLU A 155 -4.36 3.55 12.22
N MET A 156 -3.08 3.66 11.86
CA MET A 156 -2.04 4.02 12.82
C MET A 156 -0.84 4.58 12.07
N ALA A 157 -0.42 5.79 12.43
CA ALA A 157 0.70 6.44 11.77
C ALA A 157 1.78 6.80 12.79
N THR A 158 3.00 6.95 12.29
CA THR A 158 4.14 7.26 13.14
C THR A 158 3.95 8.60 13.83
N LYS A 159 4.15 8.61 15.16
CA LYS A 159 3.98 9.79 16.00
C LYS A 159 2.59 10.39 15.88
N ALA A 160 1.61 9.56 15.51
CA ALA A 160 0.22 9.99 15.30
C ALA A 160 0.11 11.10 14.26
N ASP A 161 1.08 11.16 13.33
CA ASP A 161 1.06 12.12 12.23
C ASP A 161 0.48 11.40 11.02
N TYR A 162 -0.84 11.48 10.87
CA TYR A 162 -1.55 10.80 9.81
C TYR A 162 -1.49 11.54 8.48
N THR A 163 -0.62 12.56 8.38
CA THR A 163 -0.28 13.22 7.13
C THR A 163 -1.46 13.95 6.50
N LEU A 164 -2.44 13.20 5.98
CA LEU A 164 -3.58 13.80 5.31
C LEU A 164 -4.71 14.11 6.29
N ASP A 165 -5.68 14.89 5.83
CA ASP A 165 -6.85 15.19 6.61
C ASP A 165 -7.75 13.96 6.72
N GLU A 166 -8.72 14.01 7.62
CA GLU A 166 -9.46 12.77 7.91
C GLU A 166 -10.44 12.39 6.81
N GLU A 167 -10.73 13.27 5.86
CA GLU A 167 -11.70 12.91 4.83
C GLU A 167 -11.12 11.89 3.86
N SER A 168 -9.90 12.10 3.39
CA SER A 168 -9.29 11.16 2.45
C SER A 168 -8.99 9.83 3.14
N ARG A 169 -8.52 9.86 4.39
CA ARG A 169 -8.30 8.62 5.12
C ARG A 169 -9.60 7.87 5.32
N ALA A 170 -10.70 8.60 5.58
CA ALA A 170 -12.00 7.95 5.72
C ALA A 170 -12.45 7.33 4.39
N ARG A 171 -12.08 7.97 3.29
CA ARG A 171 -12.42 7.46 1.95
C ARG A 171 -11.65 6.16 1.73
N ILE A 172 -10.40 6.12 2.17
CA ILE A 172 -9.59 4.90 2.03
C ILE A 172 -10.17 3.77 2.89
N LYS A 173 -10.55 4.09 4.13
CA LYS A 173 -11.13 3.08 5.01
C LYS A 173 -12.42 2.53 4.44
N THR A 174 -13.28 3.41 3.90
CA THR A 174 -14.52 2.97 3.29
C THR A 174 -14.26 2.04 2.11
N ARG A 175 -13.28 2.38 1.27
CA ARG A 175 -12.93 1.52 0.15
C ARG A 175 -12.46 0.15 0.63
N LEU A 176 -11.63 0.13 1.68
CA LEU A 176 -11.15 -1.14 2.22
C LEU A 176 -12.31 -1.99 2.71
N PHE A 177 -13.24 -1.39 3.46
CA PHE A 177 -14.36 -2.16 3.97
C PHE A 177 -15.26 -2.65 2.85
N THR A 178 -15.42 -1.85 1.78
CA THR A 178 -16.20 -2.29 0.64
C THR A 178 -15.58 -3.50 -0.02
N ILE A 179 -14.25 -3.47 -0.22
CA ILE A 179 -13.53 -4.63 -0.74
C ILE A 179 -13.79 -5.85 0.15
N ARG A 180 -13.73 -5.66 1.46
CA ARG A 180 -13.92 -6.77 2.40
C ARG A 180 -15.31 -7.36 2.27
N GLN A 181 -16.32 -6.49 2.22
CA GLN A 181 -17.75 -6.90 2.10
C GLN A 181 -17.94 -7.70 0.82
N GLU A 182 -17.36 -7.24 -0.29
CA GLU A 182 -17.50 -7.92 -1.57
C GLU A 182 -16.85 -9.30 -1.51
N MET A 183 -15.64 -9.37 -0.95
CA MET A 183 -14.97 -10.66 -0.77
C MET A 183 -15.83 -11.62 0.05
N ALA A 184 -16.45 -11.11 1.12
CA ALA A 184 -17.25 -11.97 1.99
C ALA A 184 -18.52 -12.44 1.28
N SER A 185 -19.18 -11.55 0.53
CA SER A 185 -20.35 -11.94 -0.22
C SER A 185 -20.01 -12.96 -1.29
N ARG A 186 -18.77 -12.98 -1.76
CA ARG A 186 -18.29 -14.04 -2.61
C ARG A 186 -17.67 -15.20 -1.82
N SER A 187 -17.76 -15.16 -0.49
CA SER A 187 -17.23 -16.21 0.38
C SER A 187 -15.73 -16.40 0.18
N LEU A 188 -15.02 -15.32 -0.16
CA LEU A 188 -13.56 -15.35 -0.30
C LEU A 188 -12.85 -14.58 0.80
N TRP A 189 -13.59 -14.04 1.77
CA TRP A 189 -12.97 -13.22 2.80
C TRP A 189 -12.23 -14.07 3.83
N ASP A 190 -12.75 -15.25 4.15
CA ASP A 190 -12.13 -16.08 5.19
C ASP A 190 -10.74 -16.52 4.77
N SER A 191 -10.61 -17.08 3.56
CA SER A 191 -9.30 -17.50 3.07
C SER A 191 -8.37 -16.30 2.87
N PHE A 192 -8.93 -15.15 2.50
CA PHE A 192 -8.11 -13.95 2.34
C PHE A 192 -7.57 -13.46 3.68
N ARG A 193 -8.33 -13.62 4.76
CA ARG A 193 -7.88 -13.17 6.06
C ARG A 193 -6.79 -14.09 6.62
N GLN A 194 -7.02 -15.40 6.57
CA GLN A 194 -6.06 -16.37 7.09
C GLN A 194 -5.02 -16.72 6.02
N SER A 195 -4.28 -15.70 5.59
CA SER A 195 -3.25 -15.88 4.58
C SER A 195 -2.13 -14.86 4.76
N GLU A 196 -2.38 -13.81 5.54
CA GLU A 196 -1.37 -12.80 5.82
C GLU A 196 -0.49 -13.22 7.00
MN MN B . 3.60 -0.46 1.63
MN MN C . 5.77 -0.70 -1.51
C01 R1D D . 8.07 -10.40 -2.48
C03 R1D D . 6.90 -8.40 -2.78
C04 R1D D . 7.69 -7.26 -2.89
C05 R1D D . 7.33 -6.24 -3.74
C06 R1D D . 8.21 -4.99 -3.87
C07 R1D D . 8.30 -4.13 -2.61
C09 R1D D . 6.29 -3.38 -1.31
C11 R1D D . 5.17 -3.73 -0.33
C12 R1D D . 4.61 -2.70 0.60
C14 R1D D . 3.52 -3.09 1.54
C17 R1D D . 3.56 -5.45 0.61
C19 R1D D . 3.03 -6.89 0.60
C20 R1D D . 3.93 -7.94 0.75
C21 R1D D . 3.48 -9.25 0.73
C22 R1D D . 2.14 -9.52 0.57
C23 R1D D . 1.24 -8.47 0.42
C24 R1D D . 1.68 -7.16 0.43
C25 R1D D . 0.67 -6.02 0.27
C29 R1D D . 6.18 -6.36 -4.52
C30 R1D D . 5.39 -7.49 -4.41
C31 R1D D . 5.74 -8.51 -3.54
F26 R1D D . 0.73 -5.19 1.34
F27 R1D D . -0.58 -6.53 0.18
F28 R1D D . 0.95 -5.33 -0.88
N08 R1D D . 7.22 -4.43 -1.69
N16 R1D D . 3.00 -4.44 1.55
N18 R1D D . 4.64 -5.08 -0.31
O02 R1D D . 7.25 -9.43 -1.91
O10 R1D D . 6.40 -2.29 -1.73
O13 R1D D . 5.10 -1.40 0.59
O15 R1D D . 3.07 -2.29 2.28
O32 R1D D . 4.94 -9.65 -3.44
C12 QQ4 E . 1.26 5.65 -15.45
C11 QQ4 E . 0.53 6.62 -14.53
C10 QQ4 E . -9.69 7.65 -13.75
C01 QQ4 E . -0.05 5.87 -13.33
C02 QQ4 E . -1.43 6.47 -12.98
C03 QQ4 E . -1.61 6.96 -11.54
C04 QQ4 E . -2.95 6.43 -11.00
C05 QQ4 E . -4.08 7.46 -10.95
C06 QQ4 E . -4.96 7.36 -12.21
C07 QQ4 E . -6.30 8.06 -11.99
C08 QQ4 E . -7.29 7.65 -13.09
C09 QQ4 E . -8.72 7.87 -12.60
C19 QQ4 E . 4.75 7.16 -16.05
C20 QQ4 E . 4.96 5.67 -16.15
C21 QQ4 E . 3.56 5.14 -16.46
C22 QQ4 E . 1.41 4.68 -11.56
C23 QQ4 E . 1.66 7.02 -11.68
C24 QQ4 E . 2.60 6.51 -10.59
C25 QQ4 E . 2.76 5.05 -10.96
C26 QQ4 E . -1.49 9.24 -12.75
C27 QQ4 E . -1.73 10.68 -12.31
C28 QQ4 E . -1.32 10.72 -10.84
C29 QQ4 E . -1.40 9.27 -10.38
C30 QQ4 E . -5.70 6.07 -9.42
C31 QQ4 E . -6.33 6.30 -8.06
C32 QQ4 E . -6.25 7.79 -7.87
C33 QQ4 E . -4.98 8.19 -8.62
C34 QQ4 E . -5.40 10.31 -12.99
C35 QQ4 E . -5.16 11.67 -12.32
C36 QQ4 E . -6.26 11.81 -11.31
C37 QQ4 E . -6.65 10.41 -10.97
C38 QQ4 E . -8.90 5.50 -11.58
C39 QQ4 E . -9.53 7.34 -10.21
C40 QQ4 E . -9.72 6.07 -9.38
C41 QQ4 E . -9.76 4.98 -10.43
C42 QQ4 E . 3.34 7.30 -15.51
N02 QQ4 E . 2.63 6.03 -15.77
N03 QQ4 E . 0.94 5.87 -12.24
N04 QQ4 E . -1.52 8.41 -11.55
N05 QQ4 E . -4.88 7.25 -9.75
N06 QQ4 E . -6.13 9.50 -11.98
N07 QQ4 E . -9.03 6.96 -11.53
O02 QQ4 E . 1.53 8.16 -11.99
O03 QQ4 E . -1.41 8.89 -9.26
O04 QQ4 E . -5.85 5.11 -10.09
O05 QQ4 E . 2.93 8.27 -14.97
O06 QQ4 E . -7.29 10.10 -10.01
O07 QQ4 E . -9.74 8.44 -9.84
S SO4 F . -2.24 19.78 1.81
O1 SO4 F . -1.37 20.81 2.37
O2 SO4 F . -3.05 19.19 2.89
O3 SO4 F . -3.12 20.36 0.81
O4 SO4 F . -1.43 18.72 1.20
#